data_2A9Z
#
_entry.id   2A9Z
#
_cell.length_a   60.068
_cell.length_b   61.588
_cell.length_c   91.650
_cell.angle_alpha   90.00
_cell.angle_beta   90.00
_cell.angle_gamma   90.00
#
_symmetry.space_group_name_H-M   'P 21 21 21'
#
loop_
_entity.id
_entity.type
_entity.pdbx_description
1 polymer 'adenosine kinase'
2 non-polymer 'CHLORIDE ION'
3 non-polymer 'SODIUM ION'
4 non-polymer 6N-DIMETHYLADENOSINE
5 non-polymer 'PHOSPHOMETHYLPHOSPHONIC ACID ADENYLATE ESTER'
6 water water
#
_entity_poly.entity_id   1
_entity_poly.type   'polypeptide(L)'
_entity_poly.pdbx_seq_one_letter_code
;MGSSHHHHHHSSGLVPRGSHMAVDSSNSATGPMRVFAIGNPILDLVAEVPSSFLDEFFLKRGDATLATPEQMRIYSTLDQ
FNPTSLPGGSALNSVRVVQKLLRKPGSAGYMGAIGDDPRGQVLKELCDKEGLATRFMVAPGQSTGVCAVLINEKERTLCT
HLGACGSFRLPEDWTTFASGALIFYATAYTLTATPKNALEVAGYAHGIPNAIFTLNLSAPFCVELYKDAMQSLLLHTNIL
FGNEEEFAHLAKVHNLVAAEKTALSTANKEHAVEVCTGALRLLTAGQNTSATKLVVMTRGHNPVIAAEQTADGTVVVHEV
GVPVVAAEKIVDTNGAGDAFVGGFLYALSQGKTVKQCIMCGNACAQDVIQHVGFSLSFTFTSG
;
_entity_poly.pdbx_strand_id   A
#
loop_
_chem_comp.id
_chem_comp.type
_chem_comp.name
_chem_comp.formula
26A non-polymer 6N-DIMETHYLADENOSINE 'C12 H17 N5 O4'
ACP non-polymer 'PHOSPHOMETHYLPHOSPHONIC ACID ADENYLATE ESTER' 'C11 H18 N5 O12 P3'
CL non-polymer 'CHLORIDE ION' 'Cl -1'
NA non-polymer 'SODIUM ION' 'Na 1'
#
# COMPACT_ATOMS: atom_id res chain seq x y z
N THR A 30 -5.42 15.87 -18.11
CA THR A 30 -4.11 16.40 -17.73
C THR A 30 -2.97 15.65 -18.39
N GLY A 31 -2.12 15.02 -17.57
CA GLY A 31 -1.34 13.90 -17.98
C GLY A 31 -0.01 14.15 -18.63
N PRO A 32 0.66 13.16 -19.20
CA PRO A 32 0.21 11.77 -19.37
C PRO A 32 0.09 10.99 -18.06
N MET A 33 -0.96 10.19 -17.96
CA MET A 33 -1.15 9.37 -16.75
C MET A 33 -0.18 8.18 -16.82
N ARG A 34 0.68 8.08 -15.80
CA ARG A 34 1.69 7.01 -15.80
C ARG A 34 1.33 5.85 -14.89
N VAL A 35 0.59 6.11 -13.81
CA VAL A 35 0.21 5.09 -12.84
C VAL A 35 -1.28 5.27 -12.55
N PHE A 36 -2.01 4.17 -12.50
CA PHE A 36 -3.43 4.12 -12.08
C PHE A 36 -3.58 3.19 -10.90
N ALA A 37 -4.27 3.65 -9.85
CA ALA A 37 -4.48 2.80 -8.68
C ALA A 37 -5.94 2.81 -8.22
N ILE A 38 -6.32 1.71 -7.56
CA ILE A 38 -7.54 1.67 -6.77
C ILE A 38 -7.20 1.55 -5.26
N GLY A 39 -8.09 2.09 -4.43
CA GLY A 39 -7.77 2.07 -3.03
C GLY A 39 -8.99 2.32 -2.18
N ASN A 40 -8.82 2.37 -0.89
CA ASN A 40 -9.79 2.84 0.10
C ASN A 40 -9.42 4.29 0.46
N PRO A 41 -10.11 5.30 -0.02
CA PRO A 41 -9.72 6.68 0.28
C PRO A 41 -10.13 7.00 1.72
N ILE A 42 -9.15 7.45 2.52
CA ILE A 42 -9.40 7.64 3.94
C ILE A 42 -8.85 8.99 4.37
N LEU A 43 -9.60 9.74 5.16
CA LEU A 43 -9.06 10.95 5.77
C LEU A 43 -8.39 10.58 7.10
N ASP A 44 -7.10 10.89 7.24
CA ASP A 44 -6.39 10.67 8.52
C ASP A 44 -6.57 11.88 9.43
N LEU A 45 -6.93 11.61 10.67
CA LEU A 45 -7.17 12.59 11.72
C LEU A 45 -6.07 12.36 12.76
N VAL A 46 -5.13 13.29 12.78
CA VAL A 46 -3.91 13.08 13.56
C VAL A 46 -3.97 13.97 14.79
N ALA A 47 -3.80 13.35 15.95
CA ALA A 47 -3.79 14.17 17.17
C ALA A 47 -2.98 13.46 18.26
N GLU A 48 -2.38 14.31 19.06
CA GLU A 48 -1.76 13.93 20.33
C GLU A 48 -2.87 13.70 21.37
N VAL A 49 -2.93 12.54 21.99
CA VAL A 49 -3.97 12.30 23.01
C VAL A 49 -3.38 11.76 24.32
N PRO A 50 -4.07 11.99 25.43
CA PRO A 50 -3.61 11.45 26.72
C PRO A 50 -3.92 9.96 26.79
N SER A 51 -3.20 9.29 27.68
CA SER A 51 -3.28 7.84 27.83
C SER A 51 -4.69 7.36 28.18
N SER A 52 -5.38 8.18 28.98
CA SER A 52 -6.78 7.89 29.31
C SER A 52 -7.64 7.76 28.05
N PHE A 53 -7.23 8.44 27.00
CA PHE A 53 -7.97 8.35 25.74
C PHE A 53 -7.92 6.93 25.18
N LEU A 54 -6.70 6.39 25.12
CA LEU A 54 -6.58 4.99 24.70
C LEU A 54 -7.38 4.05 25.61
N ASP A 55 -7.25 4.24 26.94
CA ASP A 55 -7.88 3.38 27.90
C ASP A 55 -9.41 3.41 27.80
N GLU A 56 -9.95 4.63 27.72
CA GLU A 56 -11.38 4.87 27.59
C GLU A 56 -11.92 4.17 26.35
N PHE A 57 -11.11 4.02 25.29
CA PHE A 57 -11.64 3.45 24.05
C PHE A 57 -11.18 2.01 23.89
N PHE A 58 -10.56 1.46 24.93
N PHE A 58 -10.56 1.46 24.93
CA PHE A 58 -10.04 0.11 24.95
CA PHE A 58 -10.01 0.12 24.95
C PHE A 58 -9.03 -0.13 23.83
C PHE A 58 -9.05 -0.12 23.79
N LEU A 59 -8.22 0.88 23.51
CA LEU A 59 -7.20 0.69 22.47
C LEU A 59 -5.90 0.15 23.01
N LYS A 60 -5.25 -0.73 22.25
CA LYS A 60 -3.90 -1.14 22.72
C LYS A 60 -2.84 -0.28 22.03
N ARG A 61 -1.98 0.42 22.76
CA ARG A 61 -1.04 1.37 22.18
C ARG A 61 -0.14 0.80 21.10
N GLY A 62 -0.10 1.43 19.92
CA GLY A 62 0.80 0.85 18.91
C GLY A 62 0.08 -0.06 17.95
N ASP A 63 -1.15 -0.48 18.27
CA ASP A 63 -1.83 -1.33 17.29
C ASP A 63 -2.62 -0.51 16.25
N ALA A 64 -2.92 -1.16 15.14
CA ALA A 64 -3.71 -0.59 14.04
C ALA A 64 -4.91 -1.51 13.80
N THR A 65 -6.10 -1.02 14.13
CA THR A 65 -7.31 -1.82 14.09
C THR A 65 -8.45 -1.13 13.36
N LEU A 66 -9.52 -1.91 13.14
CA LEU A 66 -10.78 -1.37 12.65
C LEU A 66 -11.66 -1.04 13.85
N ALA A 67 -12.30 0.14 13.76
CA ALA A 67 -13.16 0.59 14.85
C ALA A 67 -14.17 -0.48 15.26
N THR A 68 -14.30 -0.72 16.56
CA THR A 68 -15.27 -1.63 17.14
C THR A 68 -16.54 -0.87 17.46
N PRO A 69 -17.67 -1.54 17.71
CA PRO A 69 -18.90 -0.81 18.05
C PRO A 69 -18.70 0.16 19.20
N GLU A 70 -17.94 -0.30 20.21
CA GLU A 70 -17.74 0.56 21.39
C GLU A 70 -16.89 1.77 21.08
N GLN A 71 -16.23 1.83 19.93
CA GLN A 71 -15.39 2.95 19.51
C GLN A 71 -16.13 3.87 18.54
N MET A 72 -17.44 3.71 18.53
CA MET A 72 -18.35 4.41 17.63
C MET A 72 -18.09 5.91 17.59
N ARG A 73 -17.92 6.46 18.79
CA ARG A 73 -17.80 7.89 19.01
C ARG A 73 -16.36 8.36 19.08
N ILE A 74 -15.39 7.53 18.71
CA ILE A 74 -13.99 7.95 18.87
C ILE A 74 -13.72 9.17 17.98
N TYR A 75 -14.30 9.28 16.77
CA TYR A 75 -13.94 10.36 15.85
C TYR A 75 -14.50 11.70 16.29
N SER A 76 -15.76 11.75 16.74
CA SER A 76 -16.29 13.02 17.29
C SER A 76 -15.57 13.35 18.60
N THR A 77 -15.24 12.34 19.42
CA THR A 77 -14.57 12.59 20.70
C THR A 77 -13.16 13.17 20.44
N LEU A 78 -12.53 12.77 19.35
CA LEU A 78 -11.22 13.26 18.94
C LEU A 78 -11.23 14.76 18.73
N ASP A 79 -12.42 15.32 18.40
CA ASP A 79 -12.41 16.76 18.05
C ASP A 79 -11.90 17.64 19.18
N GLN A 80 -11.98 17.16 20.43
CA GLN A 80 -11.51 18.00 21.53
C GLN A 80 -9.99 18.06 21.62
N PHE A 81 -9.27 17.22 20.90
CA PHE A 81 -7.81 17.22 20.84
C PHE A 81 -7.28 17.84 19.55
N ASN A 82 -8.08 18.68 18.91
CA ASN A 82 -7.81 19.47 17.71
C ASN A 82 -7.00 18.69 16.68
N PRO A 83 -7.59 17.64 16.14
CA PRO A 83 -6.79 16.81 15.22
C PRO A 83 -6.55 17.53 13.91
N THR A 84 -5.48 17.16 13.21
CA THR A 84 -5.26 17.68 11.87
C THR A 84 -5.84 16.70 10.86
N SER A 85 -6.34 17.25 9.78
CA SER A 85 -6.89 16.47 8.68
C SER A 85 -5.91 16.39 7.52
N LEU A 86 -5.54 15.16 7.12
CA LEU A 86 -4.66 14.94 5.99
C LEU A 86 -5.12 13.75 5.17
N PRO A 87 -4.81 13.77 3.86
CA PRO A 87 -5.26 12.61 3.04
C PRO A 87 -4.53 11.38 3.51
N GLY A 88 -5.26 10.25 3.57
CA GLY A 88 -4.71 8.97 3.97
C GLY A 88 -5.27 7.88 3.07
N GLY A 89 -5.23 6.66 3.56
CA GLY A 89 -5.45 5.50 2.73
C GLY A 89 -4.14 5.00 2.16
N SER A 90 -3.86 3.68 2.23
CA SER A 90 -2.57 3.18 1.81
C SER A 90 -2.25 3.44 0.36
N ALA A 91 -3.14 3.02 -0.55
CA ALA A 91 -2.86 3.24 -1.98
C ALA A 91 -2.81 4.72 -2.35
N LEU A 92 -3.68 5.53 -1.69
CA LEU A 92 -3.73 6.97 -1.96
C LEU A 92 -2.40 7.57 -1.52
N ASN A 93 -1.88 7.14 -0.38
CA ASN A 93 -0.57 7.66 0.01
C ASN A 93 0.48 7.32 -1.06
N SER A 94 0.43 6.08 -1.62
CA SER A 94 1.46 5.71 -2.61
C SER A 94 1.32 6.48 -3.90
N VAL A 95 0.10 6.68 -4.44
CA VAL A 95 -0.01 7.45 -5.67
C VAL A 95 0.20 8.94 -5.39
N ARG A 96 0.00 9.43 -4.19
CA ARG A 96 0.35 10.84 -3.92
C ARG A 96 1.87 11.03 -3.99
N VAL A 97 2.67 10.02 -3.62
CA VAL A 97 4.12 10.05 -3.82
C VAL A 97 4.46 10.11 -5.32
N VAL A 98 3.85 9.20 -6.10
CA VAL A 98 4.09 9.21 -7.54
C VAL A 98 3.76 10.57 -8.14
N GLN A 99 2.58 11.11 -7.80
CA GLN A 99 2.15 12.40 -8.36
C GLN A 99 3.11 13.50 -7.96
N LYS A 100 3.60 13.53 -6.72
CA LYS A 100 4.54 14.56 -6.30
C LYS A 100 5.83 14.51 -7.11
N LEU A 101 6.32 13.30 -7.37
CA LEU A 101 7.59 13.15 -8.10
C LEU A 101 7.41 13.44 -9.58
N LEU A 102 6.28 13.08 -10.18
CA LEU A 102 6.07 13.37 -11.60
C LEU A 102 5.65 14.81 -11.90
N ARG A 103 5.08 15.49 -10.94
CA ARG A 103 4.73 16.91 -10.92
C ARG A 103 3.56 17.32 -11.82
N LYS A 104 3.53 16.86 -13.06
CA LYS A 104 2.52 17.34 -14.00
C LYS A 104 1.13 16.92 -13.48
N PRO A 105 0.14 17.79 -13.52
CA PRO A 105 -1.20 17.39 -13.12
C PRO A 105 -1.65 16.13 -13.85
N GLY A 106 -2.26 15.24 -13.04
CA GLY A 106 -2.84 14.02 -13.58
C GLY A 106 -1.82 12.99 -13.99
N SER A 107 -0.64 13.02 -13.38
CA SER A 107 0.42 12.04 -13.65
C SER A 107 0.07 10.66 -13.07
N ALA A 108 -0.71 10.67 -11.99
CA ALA A 108 -1.21 9.46 -11.36
C ALA A 108 -2.74 9.60 -11.26
N GLY A 109 -3.41 8.48 -11.43
CA GLY A 109 -4.85 8.43 -11.31
C GLY A 109 -5.29 7.47 -10.22
N TYR A 110 -6.46 7.74 -9.66
CA TYR A 110 -6.94 6.95 -8.52
C TYR A 110 -8.46 6.88 -8.53
N MET A 111 -8.99 5.71 -8.21
CA MET A 111 -10.42 5.59 -7.91
C MET A 111 -10.63 4.88 -6.59
N GLY A 112 -11.71 5.30 -5.92
CA GLY A 112 -12.23 4.63 -4.76
C GLY A 112 -13.57 5.27 -4.37
N ALA A 113 -14.15 4.86 -3.26
CA ALA A 113 -15.47 5.39 -2.91
C ALA A 113 -15.40 6.24 -1.63
N ILE A 114 -16.18 7.32 -1.61
CA ILE A 114 -16.34 8.23 -0.50
C ILE A 114 -17.82 8.37 -0.13
N GLY A 115 -18.08 9.00 0.99
CA GLY A 115 -19.46 9.26 1.34
C GLY A 115 -19.97 10.58 0.78
N ASP A 116 -21.24 10.85 0.92
CA ASP A 116 -21.83 12.13 0.55
C ASP A 116 -21.80 13.10 1.74
N ASP A 117 -20.71 13.13 2.48
CA ASP A 117 -20.53 13.88 3.73
C ASP A 117 -19.47 14.97 3.67
N PRO A 118 -19.44 15.83 4.66
CA PRO A 118 -18.39 16.84 4.63
C PRO A 118 -16.99 16.25 4.50
N ARG A 119 -16.74 15.14 5.20
CA ARG A 119 -15.40 14.56 5.15
C ARG A 119 -15.01 14.19 3.73
N GLY A 120 -15.94 13.68 2.92
CA GLY A 120 -15.59 13.28 1.55
C GLY A 120 -15.12 14.50 0.76
N GLN A 121 -15.78 15.66 1.00
CA GLN A 121 -15.35 16.84 0.28
C GLN A 121 -13.99 17.36 0.72
N VAL A 122 -13.73 17.26 2.01
CA VAL A 122 -12.41 17.62 2.54
C VAL A 122 -11.35 16.79 1.86
N LEU A 123 -11.58 15.48 1.76
CA LEU A 123 -10.57 14.59 1.17
C LEU A 123 -10.38 14.85 -0.32
N LYS A 124 -11.47 15.04 -1.04
CA LYS A 124 -11.42 15.33 -2.46
C LYS A 124 -10.60 16.60 -2.69
N GLU A 125 -10.89 17.66 -1.92
CA GLU A 125 -10.14 18.90 -2.15
C GLU A 125 -8.67 18.77 -1.81
N LEU A 126 -8.33 18.02 -0.78
CA LEU A 126 -6.90 17.81 -0.46
C LEU A 126 -6.21 17.13 -1.62
N CYS A 127 -6.89 16.19 -2.29
CA CYS A 127 -6.25 15.48 -3.40
C CYS A 127 -6.16 16.36 -4.65
N ASP A 128 -7.21 17.15 -4.92
CA ASP A 128 -7.24 18.05 -6.05
C ASP A 128 -6.12 19.06 -5.96
N LYS A 129 -5.84 19.53 -4.74
CA LYS A 129 -4.83 20.58 -4.72
C LYS A 129 -3.46 20.03 -5.09
N GLU A 130 -3.24 18.73 -4.95
CA GLU A 130 -1.96 18.12 -5.27
C GLU A 130 -1.82 17.75 -6.75
N GLY A 131 -2.88 17.92 -7.51
CA GLY A 131 -2.89 17.60 -8.91
C GLY A 131 -3.16 16.16 -9.29
N LEU A 132 -3.54 15.37 -8.30
CA LEU A 132 -3.83 13.96 -8.58
C LEU A 132 -5.11 13.85 -9.43
N ALA A 133 -5.15 12.92 -10.36
CA ALA A 133 -6.37 12.67 -11.12
C ALA A 133 -7.20 11.67 -10.28
N THR A 134 -8.41 12.05 -9.85
CA THR A 134 -9.25 11.15 -9.05
C THR A 134 -10.65 11.04 -9.61
N ARG A 135 -11.27 9.89 -9.41
CA ARG A 135 -12.71 9.76 -9.52
C ARG A 135 -13.14 9.04 -8.24
N PHE A 136 -13.82 9.78 -7.40
CA PHE A 136 -14.37 9.26 -6.15
C PHE A 136 -15.85 9.00 -6.35
N MET A 137 -16.20 7.74 -6.16
CA MET A 137 -17.58 7.30 -6.26
C MET A 137 -18.27 7.66 -4.97
N VAL A 138 -19.41 8.31 -5.03
CA VAL A 138 -20.10 8.64 -3.79
C VAL A 138 -21.16 7.62 -3.44
N ALA A 139 -21.11 7.21 -2.17
CA ALA A 139 -22.13 6.29 -1.64
C ALA A 139 -23.09 7.01 -0.73
N PRO A 140 -24.28 7.32 -1.23
CA PRO A 140 -25.23 8.08 -0.37
C PRO A 140 -25.48 7.40 0.96
N GLY A 141 -25.54 8.24 2.01
CA GLY A 141 -25.80 7.72 3.34
C GLY A 141 -24.66 7.08 4.08
N GLN A 142 -23.49 6.96 3.46
CA GLN A 142 -22.36 6.30 4.12
C GLN A 142 -21.33 7.39 4.43
N SER A 143 -20.44 7.06 5.37
CA SER A 143 -19.45 8.05 5.82
C SER A 143 -18.11 7.79 5.14
N THR A 144 -17.39 8.82 4.79
CA THR A 144 -16.10 8.66 4.16
C THR A 144 -15.14 7.95 5.11
N GLY A 145 -14.30 7.09 4.59
CA GLY A 145 -13.29 6.43 5.41
C GLY A 145 -12.51 7.40 6.26
N VAL A 146 -12.20 6.98 7.51
CA VAL A 146 -11.53 7.85 8.44
C VAL A 146 -10.57 6.98 9.28
N CYS A 147 -9.39 7.56 9.57
CA CYS A 147 -8.44 6.85 10.40
C CYS A 147 -7.95 7.81 11.49
N ALA A 148 -8.20 7.46 12.75
CA ALA A 148 -7.64 8.22 13.86
C ALA A 148 -6.18 7.74 14.02
N VAL A 149 -5.28 8.67 13.91
CA VAL A 149 -3.87 8.46 14.17
C VAL A 149 -3.56 9.12 15.50
N LEU A 150 -3.49 8.31 16.53
CA LEU A 150 -3.42 8.75 17.91
C LEU A 150 -1.98 8.68 18.42
N ILE A 151 -1.42 9.86 18.71
CA ILE A 151 -0.04 9.91 19.17
C ILE A 151 -0.03 9.95 20.69
N ASN A 152 0.76 9.05 21.29
CA ASN A 152 0.82 8.87 22.72
C ASN A 152 2.02 8.01 23.08
N GLU A 153 2.79 8.50 24.03
CA GLU A 153 4.05 7.93 24.52
C GLU A 153 4.94 7.54 23.34
N LYS A 154 5.01 8.49 22.38
CA LYS A 154 5.90 8.35 21.25
C LYS A 154 5.54 7.06 20.52
N GLU A 155 4.24 6.85 20.42
CA GLU A 155 3.76 5.74 19.60
C GLU A 155 2.49 6.28 18.92
N ARG A 156 2.21 5.60 17.82
CA ARG A 156 0.99 5.78 17.08
C ARG A 156 0.07 4.58 17.25
N THR A 157 -1.20 4.88 17.43
CA THR A 157 -2.27 3.92 17.55
C THR A 157 -3.31 4.31 16.52
N LEU A 158 -3.62 3.38 15.64
CA LEU A 158 -4.46 3.71 14.51
C LEU A 158 -5.79 2.98 14.68
N CYS A 159 -6.86 3.70 14.33
CA CYS A 159 -8.23 3.15 14.46
C CYS A 159 -9.03 3.60 13.25
N THR A 160 -9.36 2.66 12.38
CA THR A 160 -9.91 2.99 11.08
C THR A 160 -11.36 2.58 10.94
N HIS A 161 -12.16 3.43 10.31
CA HIS A 161 -13.56 3.05 10.03
C HIS A 161 -13.75 3.20 8.52
N LEU A 162 -13.86 2.10 7.79
CA LEU A 162 -13.84 2.17 6.33
C LEU A 162 -15.07 2.83 5.72
N GLY A 163 -16.24 2.65 6.29
CA GLY A 163 -17.47 3.27 5.80
C GLY A 163 -17.63 3.05 4.31
N ALA A 164 -17.80 4.18 3.60
CA ALA A 164 -18.10 4.18 2.18
C ALA A 164 -17.06 3.47 1.34
N CYS A 165 -15.84 3.28 1.83
CA CYS A 165 -14.82 2.57 1.03
C CYS A 165 -15.29 1.22 0.58
N GLY A 166 -16.11 0.57 1.41
CA GLY A 166 -16.55 -0.79 1.11
C GLY A 166 -17.54 -0.88 -0.02
N SER A 167 -18.14 0.26 -0.41
CA SER A 167 -19.11 0.31 -1.48
C SER A 167 -18.44 0.38 -2.83
N PHE A 168 -17.13 0.56 -2.95
CA PHE A 168 -16.51 0.85 -4.23
C PHE A 168 -16.72 -0.32 -5.21
N ARG A 169 -17.18 -0.02 -6.40
CA ARG A 169 -17.30 -0.95 -7.51
C ARG A 169 -16.72 -0.27 -8.74
N LEU A 170 -15.70 -0.85 -9.30
CA LEU A 170 -14.95 -0.23 -10.40
C LEU A 170 -15.89 0.12 -11.55
N PRO A 171 -15.94 1.37 -11.99
CA PRO A 171 -16.81 1.70 -13.11
C PRO A 171 -16.35 1.10 -14.43
N GLU A 172 -17.35 0.86 -15.29
CA GLU A 172 -17.15 0.23 -16.57
C GLU A 172 -16.17 0.97 -17.46
N ASP A 173 -16.10 2.30 -17.29
CA ASP A 173 -15.20 3.09 -18.14
C ASP A 173 -13.87 3.37 -17.46
N TRP A 174 -13.46 2.57 -16.49
CA TRP A 174 -12.21 2.89 -15.79
C TRP A 174 -11.04 2.83 -16.76
N THR A 175 -11.08 1.98 -17.79
CA THR A 175 -9.91 1.92 -18.67
C THR A 175 -9.77 3.21 -19.49
N THR A 176 -10.90 3.87 -19.72
CA THR A 176 -10.82 5.16 -20.42
C THR A 176 -10.25 6.25 -19.52
N PHE A 177 -10.67 6.28 -18.26
CA PHE A 177 -10.12 7.19 -17.25
C PHE A 177 -8.62 7.01 -17.16
N ALA A 178 -8.19 5.76 -17.13
CA ALA A 178 -6.79 5.39 -16.98
C ALA A 178 -6.01 5.40 -18.29
N SER A 179 -6.55 5.90 -19.38
CA SER A 179 -5.89 5.85 -20.72
C SER A 179 -4.46 6.29 -20.66
N GLY A 180 -3.57 5.54 -21.23
CA GLY A 180 -2.13 5.86 -21.27
C GLY A 180 -1.32 5.21 -20.18
N ALA A 181 -1.89 4.88 -19.00
CA ALA A 181 -1.13 4.29 -17.94
C ALA A 181 -0.81 2.81 -18.20
N LEU A 182 0.46 2.44 -18.05
CA LEU A 182 0.81 1.03 -18.17
C LEU A 182 1.11 0.38 -16.81
N ILE A 183 1.15 1.18 -15.77
CA ILE A 183 1.40 0.68 -14.42
C ILE A 183 0.12 0.83 -13.63
N PHE A 184 -0.34 -0.33 -13.11
CA PHE A 184 -1.57 -0.40 -12.34
C PHE A 184 -1.24 -0.87 -10.93
N TYR A 185 -1.96 -0.35 -9.94
CA TYR A 185 -1.65 -0.74 -8.58
C TYR A 185 -2.93 -0.93 -7.79
N ALA A 186 -2.92 -1.99 -6.99
CA ALA A 186 -3.97 -2.20 -6.00
C ALA A 186 -3.32 -2.69 -4.72
N THR A 187 -3.91 -2.28 -3.58
CA THR A 187 -3.58 -2.89 -2.31
C THR A 187 -4.49 -4.08 -2.07
N ALA A 188 -4.02 -5.10 -1.34
CA ALA A 188 -4.91 -6.15 -0.89
C ALA A 188 -5.98 -5.57 0.02
N TYR A 189 -5.74 -4.42 0.62
CA TYR A 189 -6.80 -3.78 1.38
C TYR A 189 -8.04 -3.52 0.51
N THR A 190 -7.91 -3.38 -0.82
CA THR A 190 -9.09 -3.19 -1.65
C THR A 190 -9.92 -4.44 -1.69
N LEU A 191 -9.41 -5.60 -1.30
CA LEU A 191 -10.23 -6.82 -1.37
C LEU A 191 -11.37 -6.75 -0.36
N THR A 192 -11.29 -5.86 0.62
CA THR A 192 -12.31 -5.76 1.68
C THR A 192 -13.59 -5.09 1.16
N ALA A 193 -13.57 -4.45 0.02
CA ALA A 193 -14.77 -3.97 -0.64
C ALA A 193 -15.27 -5.12 -1.50
N THR A 194 -14.54 -5.48 -2.53
CA THR A 194 -14.74 -6.72 -3.27
C THR A 194 -13.43 -7.07 -4.00
N PRO A 195 -13.03 -8.34 -4.00
CA PRO A 195 -11.87 -8.73 -4.83
C PRO A 195 -12.13 -8.49 -6.32
N LYS A 196 -13.39 -8.34 -6.73
CA LYS A 196 -13.64 -8.15 -8.15
C LYS A 196 -12.95 -6.89 -8.71
N ASN A 197 -12.75 -5.86 -7.92
CA ASN A 197 -12.11 -4.63 -8.42
C ASN A 197 -10.66 -4.91 -8.83
N ALA A 198 -9.85 -5.44 -7.89
CA ALA A 198 -8.46 -5.74 -8.24
C ALA A 198 -8.41 -6.81 -9.36
N LEU A 199 -9.30 -7.79 -9.32
CA LEU A 199 -9.26 -8.85 -10.36
C LEU A 199 -9.56 -8.26 -11.72
N GLU A 200 -10.43 -7.27 -11.83
CA GLU A 200 -10.71 -6.65 -13.11
C GLU A 200 -9.51 -5.85 -13.60
N VAL A 201 -8.88 -5.10 -12.68
CA VAL A 201 -7.70 -4.30 -13.09
C VAL A 201 -6.60 -5.25 -13.54
N ALA A 202 -6.32 -6.28 -12.78
CA ALA A 202 -5.25 -7.20 -13.16
C ALA A 202 -5.62 -7.94 -14.42
N GLY A 203 -6.89 -8.25 -14.61
CA GLY A 203 -7.36 -8.98 -15.79
C GLY A 203 -7.14 -8.18 -17.05
N TYR A 204 -7.20 -6.85 -16.98
CA TYR A 204 -6.91 -6.01 -18.12
C TYR A 204 -5.45 -6.03 -18.45
N ALA A 205 -4.57 -6.02 -17.47
CA ALA A 205 -3.11 -6.04 -17.74
C ALA A 205 -2.64 -7.40 -18.17
N HIS A 206 -3.32 -8.49 -17.79
CA HIS A 206 -2.72 -9.83 -17.96
C HIS A 206 -2.52 -10.14 -19.45
N GLY A 207 -1.38 -10.68 -19.78
CA GLY A 207 -1.17 -11.10 -21.19
C GLY A 207 -0.70 -10.01 -22.09
N ILE A 208 -0.66 -8.77 -21.62
CA ILE A 208 -0.11 -7.64 -22.38
C ILE A 208 1.30 -7.42 -21.89
N PRO A 209 2.28 -7.71 -22.74
CA PRO A 209 3.65 -7.75 -22.22
C PRO A 209 4.13 -6.52 -21.48
N ASN A 210 3.75 -5.31 -21.87
CA ASN A 210 4.21 -4.11 -21.19
C ASN A 210 3.17 -3.48 -20.28
N ALA A 211 2.07 -4.16 -19.94
CA ALA A 211 1.17 -3.69 -18.90
C ALA A 211 1.62 -4.31 -17.59
N ILE A 212 1.74 -3.54 -16.53
CA ILE A 212 2.30 -4.02 -15.27
C ILE A 212 1.28 -3.85 -14.18
N PHE A 213 0.69 -4.96 -13.72
CA PHE A 213 -0.16 -4.93 -12.54
C PHE A 213 0.68 -5.20 -11.30
N THR A 214 0.50 -4.33 -10.30
CA THR A 214 1.30 -4.42 -9.10
C THR A 214 0.35 -4.44 -7.90
N LEU A 215 0.76 -5.19 -6.89
CA LEU A 215 -0.15 -5.51 -5.77
C LEU A 215 0.59 -5.42 -4.46
N ASN A 216 -0.02 -4.92 -3.40
CA ASN A 216 0.53 -4.92 -2.05
C ASN A 216 -0.16 -5.99 -1.21
N LEU A 217 0.58 -6.80 -0.44
CA LEU A 217 -0.06 -7.78 0.44
C LEU A 217 -0.83 -7.09 1.57
N SER A 218 -0.51 -5.86 1.90
CA SER A 218 -1.18 -4.94 2.83
C SER A 218 -1.21 -5.33 4.30
N ALA A 219 -1.55 -6.57 4.64
CA ALA A 219 -1.68 -6.98 6.03
C ALA A 219 -1.83 -8.48 6.12
N PRO A 220 -1.34 -9.07 7.18
CA PRO A 220 -1.52 -10.52 7.36
C PRO A 220 -2.95 -10.94 7.17
N PHE A 221 -3.92 -10.14 7.72
CA PHE A 221 -5.31 -10.64 7.64
C PHE A 221 -5.76 -10.72 6.19
N CYS A 222 -5.22 -9.94 5.26
CA CYS A 222 -5.70 -10.01 3.87
C CYS A 222 -5.31 -11.33 3.25
N VAL A 223 -4.13 -11.77 3.68
CA VAL A 223 -3.59 -13.02 3.13
C VAL A 223 -4.47 -14.22 3.47
N GLU A 224 -4.98 -14.25 4.72
CA GLU A 224 -5.83 -15.36 5.15
C GLU A 224 -7.26 -15.18 4.65
N LEU A 225 -7.79 -14.01 4.89
CA LEU A 225 -9.24 -13.80 4.63
C LEU A 225 -9.53 -13.99 3.16
N TYR A 226 -8.63 -13.55 2.26
CA TYR A 226 -8.88 -13.61 0.82
C TYR A 226 -7.98 -14.63 0.15
N LYS A 227 -7.64 -15.74 0.80
CA LYS A 227 -6.68 -16.71 0.29
C LYS A 227 -6.91 -17.10 -1.15
N ASP A 228 -8.12 -17.50 -1.50
CA ASP A 228 -8.34 -18.02 -2.87
C ASP A 228 -8.47 -16.92 -3.90
N ALA A 229 -9.12 -15.80 -3.59
CA ALA A 229 -9.15 -14.67 -4.50
C ALA A 229 -7.73 -14.15 -4.72
N MET A 230 -6.91 -14.07 -3.69
CA MET A 230 -5.52 -13.57 -3.84
C MET A 230 -4.69 -14.57 -4.62
N GLN A 231 -4.91 -15.88 -4.50
CA GLN A 231 -4.18 -16.83 -5.30
C GLN A 231 -4.43 -16.59 -6.78
N SER A 232 -5.72 -16.33 -7.11
CA SER A 232 -6.08 -16.05 -8.50
C SER A 232 -5.46 -14.74 -8.94
N LEU A 233 -5.59 -13.72 -8.10
CA LEU A 233 -5.04 -12.40 -8.42
C LEU A 233 -3.53 -12.48 -8.66
N LEU A 234 -2.83 -13.27 -7.84
CA LEU A 234 -1.36 -13.32 -8.00
C LEU A 234 -0.94 -13.85 -9.34
N LEU A 235 -1.71 -14.80 -9.92
CA LEU A 235 -1.42 -15.30 -11.25
C LEU A 235 -1.47 -14.18 -12.30
N HIS A 236 -2.22 -13.13 -12.02
CA HIS A 236 -2.34 -12.01 -12.92
C HIS A 236 -1.41 -10.85 -12.49
N THR A 237 -0.52 -11.09 -11.56
CA THR A 237 0.28 -10.01 -10.98
C THR A 237 1.71 -9.99 -11.54
N ASN A 238 2.21 -8.80 -11.86
CA ASN A 238 3.56 -8.64 -12.35
C ASN A 238 4.53 -8.29 -11.24
N ILE A 239 4.14 -7.43 -10.28
CA ILE A 239 5.04 -7.09 -9.17
C ILE A 239 4.22 -7.19 -7.90
N LEU A 240 4.73 -7.98 -6.93
CA LEU A 240 4.12 -8.11 -5.61
C LEU A 240 5.04 -7.45 -4.59
N PHE A 241 4.49 -6.51 -3.80
CA PHE A 241 5.16 -5.89 -2.67
C PHE A 241 4.62 -6.42 -1.34
N GLY A 242 5.49 -6.53 -0.36
CA GLY A 242 5.00 -6.84 0.98
C GLY A 242 6.18 -6.73 1.96
N ASN A 243 5.80 -6.72 3.22
CA ASN A 243 6.80 -6.68 4.28
C ASN A 243 7.00 -8.10 4.83
N GLU A 244 7.86 -8.27 5.79
CA GLU A 244 8.21 -9.58 6.29
C GLU A 244 7.04 -10.33 6.88
N GLU A 245 6.19 -9.67 7.69
CA GLU A 245 5.15 -10.46 8.39
C GLU A 245 4.12 -10.85 7.35
N GLU A 246 3.85 -10.00 6.34
CA GLU A 246 2.88 -10.38 5.30
C GLU A 246 3.33 -11.60 4.54
N PHE A 247 4.61 -11.57 4.13
CA PHE A 247 5.18 -12.69 3.41
C PHE A 247 5.24 -13.95 4.27
N ALA A 248 5.51 -13.81 5.57
CA ALA A 248 5.49 -14.97 6.47
C ALA A 248 4.12 -15.62 6.45
N HIS A 249 3.10 -14.79 6.44
CA HIS A 249 1.76 -15.33 6.41
C HIS A 249 1.49 -15.93 5.03
N LEU A 250 1.88 -15.27 3.95
CA LEU A 250 1.72 -15.84 2.60
C LEU A 250 2.38 -17.22 2.51
N ALA A 251 3.58 -17.34 3.05
CA ALA A 251 4.32 -18.60 2.96
C ALA A 251 3.59 -19.71 3.73
N LYS A 252 2.95 -19.37 4.85
CA LYS A 252 2.29 -20.41 5.65
C LYS A 252 0.97 -20.80 4.98
N VAL A 253 0.21 -19.83 4.46
CA VAL A 253 -1.12 -20.10 3.90
C VAL A 253 -1.02 -20.85 2.56
N HIS A 254 0.02 -20.59 1.78
CA HIS A 254 0.20 -21.24 0.48
C HIS A 254 1.26 -22.31 0.50
N ASN A 255 1.68 -22.74 1.68
CA ASN A 255 2.71 -23.75 1.87
C ASN A 255 3.91 -23.50 0.98
N LEU A 256 4.48 -22.30 1.07
CA LEU A 256 5.54 -21.96 0.11
C LEU A 256 6.89 -22.52 0.55
N VAL A 257 6.99 -22.76 1.86
CA VAL A 257 8.17 -23.39 2.47
C VAL A 257 7.71 -24.58 3.31
N ALA A 258 8.62 -25.49 3.63
CA ALA A 258 8.29 -26.63 4.47
C ALA A 258 7.82 -26.18 5.83
N ALA A 259 7.06 -26.98 6.54
CA ALA A 259 6.57 -26.61 7.88
C ALA A 259 7.71 -26.18 8.78
N GLU A 260 8.80 -26.94 8.69
CA GLU A 260 9.96 -26.69 9.52
C GLU A 260 10.53 -25.29 9.36
N LYS A 261 10.29 -24.67 8.21
CA LYS A 261 10.81 -23.34 7.93
C LYS A 261 9.82 -22.20 8.10
N THR A 262 8.56 -22.49 8.40
CA THR A 262 7.57 -21.44 8.32
C THR A 262 7.73 -20.47 9.50
N ALA A 263 8.55 -20.86 10.45
CA ALA A 263 8.78 -20.14 11.70
C ALA A 263 10.11 -19.40 11.71
N LEU A 264 10.90 -19.60 10.65
CA LEU A 264 12.23 -19.02 10.54
C LEU A 264 12.20 -17.49 10.39
N SER A 265 13.16 -16.78 10.97
CA SER A 265 13.17 -15.32 10.81
C SER A 265 13.55 -14.92 9.37
N THR A 266 12.80 -13.98 8.84
CA THR A 266 13.09 -13.33 7.57
C THR A 266 14.20 -12.30 7.76
N ALA A 267 14.74 -12.15 8.96
CA ALA A 267 15.92 -11.31 9.18
C ALA A 267 17.17 -12.06 8.71
N ASN A 268 16.92 -13.34 8.55
CA ASN A 268 17.88 -14.26 7.94
C ASN A 268 17.71 -14.14 6.43
N LYS A 269 18.76 -13.67 5.76
CA LYS A 269 18.70 -13.49 4.31
C LYS A 269 18.24 -14.76 3.61
N GLU A 270 18.83 -15.89 4.00
CA GLU A 270 18.59 -17.11 3.23
C GLU A 270 17.12 -17.49 3.27
N HIS A 271 16.53 -17.34 4.45
CA HIS A 271 15.08 -17.56 4.61
C HIS A 271 14.27 -16.58 3.78
N ALA A 272 14.66 -15.30 3.83
CA ALA A 272 13.91 -14.30 3.05
C ALA A 272 13.88 -14.63 1.55
N VAL A 273 15.05 -15.10 1.07
CA VAL A 273 15.21 -15.41 -0.34
C VAL A 273 14.34 -16.61 -0.70
N GLU A 274 14.29 -17.58 0.21
CA GLU A 274 13.47 -18.75 -0.10
C GLU A 274 11.99 -18.40 -0.14
N VAL A 275 11.61 -17.52 0.79
CA VAL A 275 10.20 -17.12 0.79
C VAL A 275 9.92 -16.32 -0.48
N CYS A 276 10.76 -15.38 -0.86
CA CYS A 276 10.49 -14.61 -2.08
C CYS A 276 10.45 -15.48 -3.33
N THR A 277 11.37 -16.43 -3.38
CA THR A 277 11.46 -17.32 -4.54
C THR A 277 10.20 -18.17 -4.60
N GLY A 278 9.74 -18.66 -3.44
CA GLY A 278 8.50 -19.46 -3.47
C GLY A 278 7.32 -18.58 -3.83
N ALA A 279 7.26 -17.34 -3.32
CA ALA A 279 6.14 -16.45 -3.64
C ALA A 279 6.10 -16.16 -5.14
N LEU A 280 7.30 -16.07 -5.75
CA LEU A 280 7.37 -15.75 -7.20
C LEU A 280 6.62 -16.77 -8.03
N ARG A 281 6.63 -18.04 -7.58
CA ARG A 281 5.91 -19.11 -8.29
C ARG A 281 4.40 -18.86 -8.25
N LEU A 282 3.87 -18.15 -7.28
CA LEU A 282 2.47 -17.75 -7.30
C LEU A 282 2.17 -16.75 -8.39
N LEU A 283 3.19 -16.02 -8.86
CA LEU A 283 2.99 -15.10 -9.96
C LEU A 283 3.20 -15.76 -11.32
N THR A 284 4.19 -16.65 -11.39
CA THR A 284 4.63 -17.19 -12.66
C THR A 284 3.89 -18.44 -13.08
N ALA A 285 3.45 -19.25 -12.13
CA ALA A 285 2.84 -20.55 -12.35
C ALA A 285 3.80 -21.41 -13.15
N GLY A 286 5.11 -21.20 -13.00
CA GLY A 286 6.02 -22.02 -13.77
C GLY A 286 6.06 -21.70 -15.25
N GLN A 287 5.37 -20.69 -15.73
CA GLN A 287 5.42 -20.26 -17.13
C GLN A 287 6.47 -19.15 -17.24
N ASN A 288 7.02 -18.88 -18.41
CA ASN A 288 7.95 -17.78 -18.65
C ASN A 288 7.51 -17.02 -19.89
N THR A 289 7.22 -15.74 -19.72
CA THR A 289 6.87 -14.90 -20.87
C THR A 289 7.84 -13.70 -20.88
N SER A 290 7.52 -12.68 -21.68
CA SER A 290 8.35 -11.46 -21.69
C SER A 290 7.85 -10.49 -20.62
N ALA A 291 6.71 -10.80 -19.97
CA ALA A 291 6.13 -9.91 -18.97
C ALA A 291 6.96 -9.90 -17.71
N THR A 292 6.83 -8.78 -17.01
CA THR A 292 7.49 -8.65 -15.72
C THR A 292 6.91 -9.56 -14.66
N LYS A 293 7.75 -10.25 -13.92
CA LYS A 293 7.34 -11.11 -12.79
C LYS A 293 8.39 -10.92 -11.68
N LEU A 294 7.99 -10.32 -10.58
CA LEU A 294 8.90 -9.78 -9.55
C LEU A 294 8.23 -9.80 -8.19
N VAL A 295 8.88 -10.28 -7.14
CA VAL A 295 8.40 -10.20 -5.77
C VAL A 295 9.39 -9.35 -4.96
N VAL A 296 8.91 -8.37 -4.21
CA VAL A 296 9.77 -7.45 -3.44
C VAL A 296 9.38 -7.50 -1.96
N MET A 297 10.32 -7.89 -1.12
CA MET A 297 10.07 -7.97 0.32
C MET A 297 10.86 -6.89 1.01
N THR A 298 10.13 -5.94 1.63
CA THR A 298 10.80 -4.94 2.49
C THR A 298 11.07 -5.62 3.84
N ARG A 299 12.14 -5.22 4.52
CA ARG A 299 12.66 -5.90 5.69
C ARG A 299 13.12 -4.88 6.72
N GLY A 300 12.41 -3.79 6.86
CA GLY A 300 12.73 -2.82 7.90
C GLY A 300 14.12 -2.23 7.68
N HIS A 301 15.02 -2.28 8.66
CA HIS A 301 16.36 -1.77 8.49
C HIS A 301 17.25 -2.69 7.65
N ASN A 302 16.78 -3.93 7.44
CA ASN A 302 17.60 -4.93 6.76
C ASN A 302 17.47 -4.78 5.25
N PRO A 303 18.39 -5.27 4.44
CA PRO A 303 18.25 -5.07 2.99
C PRO A 303 16.94 -5.58 2.41
N VAL A 304 16.52 -4.79 1.38
CA VAL A 304 15.37 -5.27 0.62
C VAL A 304 15.80 -6.48 -0.21
N ILE A 305 14.96 -7.49 -0.25
CA ILE A 305 15.23 -8.72 -1.01
C ILE A 305 14.13 -8.82 -2.06
N ALA A 306 14.56 -9.17 -3.29
CA ALA A 306 13.56 -9.39 -4.35
C ALA A 306 13.93 -10.62 -5.17
N ALA A 307 12.91 -11.26 -5.71
CA ALA A 307 13.16 -12.37 -6.64
C ALA A 307 12.51 -12.03 -7.96
N GLU A 308 13.29 -12.11 -9.03
CA GLU A 308 12.82 -11.70 -10.34
C GLU A 308 12.91 -12.83 -11.34
N GLN A 309 11.84 -13.07 -12.11
CA GLN A 309 11.97 -14.02 -13.24
C GLN A 309 12.42 -13.21 -14.44
N THR A 310 13.63 -13.46 -14.94
CA THR A 310 14.13 -12.62 -16.04
C THR A 310 13.59 -13.07 -17.39
N ALA A 311 14.07 -12.45 -18.46
CA ALA A 311 13.52 -12.70 -19.80
C ALA A 311 13.51 -14.19 -20.17
N ASP A 312 14.58 -14.91 -19.82
CA ASP A 312 14.71 -16.31 -20.30
C ASP A 312 14.17 -17.29 -19.27
N GLY A 313 13.52 -16.81 -18.21
CA GLY A 313 12.98 -17.68 -17.21
C GLY A 313 13.88 -17.90 -16.01
N THR A 314 15.16 -17.56 -16.08
CA THR A 314 15.97 -17.81 -14.87
C THR A 314 15.65 -16.77 -13.81
N VAL A 315 15.71 -17.23 -12.55
CA VAL A 315 15.34 -16.39 -11.44
C VAL A 315 16.58 -15.73 -10.85
N VAL A 316 16.53 -14.42 -10.70
CA VAL A 316 17.69 -13.75 -10.10
CA VAL A 316 17.64 -13.65 -10.15
C VAL A 316 17.20 -13.10 -8.82
N VAL A 317 18.07 -13.12 -7.82
CA VAL A 317 17.76 -12.54 -6.51
C VAL A 317 18.47 -11.21 -6.37
N HIS A 318 17.75 -10.22 -5.88
CA HIS A 318 18.26 -8.88 -5.61
C HIS A 318 18.34 -8.61 -4.10
N GLU A 319 19.45 -7.96 -3.73
CA GLU A 319 19.63 -7.57 -2.35
C GLU A 319 20.07 -6.12 -2.37
N VAL A 320 19.25 -5.23 -1.81
CA VAL A 320 19.60 -3.80 -1.88
C VAL A 320 19.70 -3.22 -0.50
N GLY A 321 20.88 -2.76 -0.12
CA GLY A 321 21.06 -2.28 1.25
C GLY A 321 20.20 -1.07 1.52
N VAL A 322 19.82 -0.91 2.77
CA VAL A 322 18.99 0.19 3.20
C VAL A 322 19.88 1.15 3.96
N PRO A 323 20.04 2.37 3.51
CA PRO A 323 20.86 3.36 4.18
C PRO A 323 20.48 3.45 5.65
N VAL A 324 21.50 3.58 6.52
CA VAL A 324 21.19 3.56 7.95
CA VAL A 324 21.26 3.59 7.96
C VAL A 324 20.58 4.86 8.39
N VAL A 325 19.49 4.72 9.15
CA VAL A 325 18.79 5.84 9.81
C VAL A 325 18.80 5.56 11.31
N ALA A 326 19.41 6.42 12.09
CA ALA A 326 19.51 6.12 13.53
C ALA A 326 18.13 6.13 14.18
N ALA A 327 17.93 5.23 15.14
CA ALA A 327 16.64 5.09 15.82
C ALA A 327 16.05 6.42 16.30
N GLU A 328 16.88 7.34 16.76
CA GLU A 328 16.47 8.61 17.37
C GLU A 328 15.84 9.51 16.31
N LYS A 329 16.22 9.25 15.06
CA LYS A 329 15.66 10.03 13.96
C LYS A 329 14.38 9.44 13.38
N ILE A 330 13.97 8.28 13.80
CA ILE A 330 12.75 7.67 13.27
C ILE A 330 11.56 8.12 14.11
N VAL A 331 10.70 8.93 13.50
CA VAL A 331 9.49 9.44 14.13
C VAL A 331 8.43 8.35 14.20
N ASP A 332 8.28 7.56 13.15
CA ASP A 332 7.19 6.57 13.09
C ASP A 332 7.34 5.83 11.77
N THR A 333 7.10 4.53 11.79
CA THR A 333 7.28 3.76 10.57
C THR A 333 5.96 3.49 9.85
N ASN A 334 4.85 3.95 10.44
CA ASN A 334 3.63 3.84 9.65
C ASN A 334 3.81 4.62 8.35
N GLY A 335 3.27 4.09 7.25
CA GLY A 335 3.38 4.79 5.98
C GLY A 335 4.71 4.56 5.27
N ALA A 336 5.70 3.93 5.91
CA ALA A 336 6.98 3.68 5.22
C ALA A 336 6.76 2.78 4.04
N GLY A 337 5.99 1.70 4.16
CA GLY A 337 5.81 0.85 2.98
C GLY A 337 4.99 1.54 1.91
N ASP A 338 4.00 2.37 2.30
CA ASP A 338 3.24 3.05 1.25
C ASP A 338 4.14 3.92 0.42
N ALA A 339 5.08 4.60 1.10
CA ALA A 339 6.02 5.52 0.47
C ALA A 339 7.03 4.73 -0.36
N PHE A 340 7.45 3.58 0.16
CA PHE A 340 8.34 2.72 -0.62
C PHE A 340 7.71 2.39 -1.97
N VAL A 341 6.49 1.92 -1.92
CA VAL A 341 5.81 1.54 -3.17
C VAL A 341 5.68 2.75 -4.10
N GLY A 342 5.32 3.91 -3.58
CA GLY A 342 5.19 5.07 -4.45
C GLY A 342 6.54 5.40 -5.09
N GLY A 343 7.67 5.35 -4.36
CA GLY A 343 8.98 5.64 -4.98
C GLY A 343 9.32 4.58 -6.02
N PHE A 344 9.05 3.31 -5.69
CA PHE A 344 9.32 2.23 -6.64
C PHE A 344 8.54 2.47 -7.92
N LEU A 345 7.22 2.70 -7.82
CA LEU A 345 6.45 2.85 -9.04
C LEU A 345 6.85 4.11 -9.80
N TYR A 346 7.24 5.17 -9.08
CA TYR A 346 7.73 6.34 -9.81
C TYR A 346 8.95 5.96 -10.66
N ALA A 347 9.94 5.31 -10.01
CA ALA A 347 11.15 4.90 -10.74
C ALA A 347 10.81 3.92 -11.86
N LEU A 348 9.86 3.01 -11.63
CA LEU A 348 9.45 2.07 -12.70
C LEU A 348 8.88 2.86 -13.88
N SER A 349 8.11 3.92 -13.64
CA SER A 349 7.58 4.71 -14.76
C SER A 349 8.71 5.37 -15.54
N GLN A 350 9.87 5.55 -14.87
CA GLN A 350 10.99 6.20 -15.55
C GLN A 350 11.93 5.20 -16.23
N GLY A 351 11.53 3.92 -16.28
CA GLY A 351 12.26 2.88 -16.98
C GLY A 351 13.47 2.45 -16.18
N LYS A 352 13.56 2.73 -14.89
CA LYS A 352 14.75 2.36 -14.07
C LYS A 352 14.85 0.88 -13.81
N THR A 353 16.04 0.42 -13.44
CA THR A 353 16.22 -0.99 -13.17
C THR A 353 15.56 -1.40 -11.87
N VAL A 354 15.38 -2.70 -11.63
CA VAL A 354 14.80 -3.12 -10.36
C VAL A 354 15.57 -2.56 -9.18
N LYS A 355 16.90 -2.66 -9.21
CA LYS A 355 17.63 -2.11 -8.06
C LYS A 355 17.44 -0.62 -7.91
N GLN A 356 17.38 0.13 -9.02
CA GLN A 356 17.13 1.56 -8.88
C GLN A 356 15.73 1.89 -8.35
N CYS A 357 14.76 1.04 -8.72
CA CYS A 357 13.40 1.27 -8.24
C CYS A 357 13.34 1.01 -6.74
N ILE A 358 14.04 -0.04 -6.29
CA ILE A 358 14.10 -0.31 -4.86
C ILE A 358 14.81 0.85 -4.16
N MET A 359 15.88 1.42 -4.70
CA MET A 359 16.58 2.50 -4.05
C MET A 359 15.72 3.75 -3.97
N CYS A 360 14.91 3.98 -5.00
CA CYS A 360 14.00 5.13 -4.94
C CYS A 360 12.92 4.91 -3.88
N GLY A 361 12.36 3.68 -3.82
CA GLY A 361 11.45 3.34 -2.72
C GLY A 361 12.09 3.55 -1.37
N ASN A 362 13.35 3.12 -1.18
CA ASN A 362 14.01 3.33 0.12
C ASN A 362 14.13 4.82 0.41
N ALA A 363 14.44 5.64 -0.61
CA ALA A 363 14.62 7.07 -0.36
C ALA A 363 13.33 7.71 0.11
N CYS A 364 12.22 7.31 -0.54
CA CYS A 364 10.93 7.90 -0.19
C CYS A 364 10.50 7.42 1.21
N ALA A 365 10.65 6.13 1.47
CA ALA A 365 10.30 5.61 2.80
C ALA A 365 11.12 6.31 3.88
N GLN A 366 12.42 6.51 3.62
CA GLN A 366 13.24 7.11 4.68
C GLN A 366 12.90 8.57 4.89
N ASP A 367 12.49 9.29 3.84
CA ASP A 367 12.02 10.65 4.08
C ASP A 367 10.82 10.62 5.05
N VAL A 368 9.87 9.75 4.71
CA VAL A 368 8.58 9.79 5.41
C VAL A 368 8.73 9.38 6.86
N ILE A 369 9.62 8.42 7.20
CA ILE A 369 9.74 7.94 8.58
C ILE A 369 10.48 8.94 9.47
N GLN A 370 11.04 9.98 8.91
CA GLN A 370 11.82 10.93 9.74
C GLN A 370 11.08 12.20 10.02
N HIS A 371 9.79 12.24 9.66
CA HIS A 371 8.98 13.37 10.15
C HIS A 371 7.57 12.86 10.40
N VAL A 372 6.77 13.73 11.01
CA VAL A 372 5.36 13.38 11.24
C VAL A 372 4.62 13.29 9.91
N GLY A 373 3.72 12.34 9.69
CA GLY A 373 2.99 12.40 8.41
C GLY A 373 3.46 11.36 7.42
N PHE A 374 2.58 11.07 6.47
CA PHE A 374 2.81 9.96 5.54
C PHE A 374 3.07 10.46 4.13
N SER A 375 3.44 11.72 4.02
CA SER A 375 3.74 12.37 2.76
C SER A 375 5.22 12.70 2.64
N LEU A 376 5.67 12.82 1.37
CA LEU A 376 7.04 13.29 1.18
C LEU A 376 7.11 14.72 1.68
N SER A 377 8.25 15.05 2.25
CA SER A 377 8.49 16.44 2.64
C SER A 377 8.53 17.42 1.47
N PHE A 378 8.18 18.70 1.72
CA PHE A 378 8.16 19.70 0.68
C PHE A 378 9.49 19.75 -0.03
N THR A 379 10.55 19.62 0.76
CA THR A 379 11.90 19.80 0.23
C THR A 379 12.36 18.57 -0.54
N PHE A 380 11.73 17.42 -0.42
CA PHE A 380 12.25 16.22 -1.05
C PHE A 380 12.41 16.35 -2.57
CL CL B . -5.87 1.32 0.01
NA NA C . 10.39 -13.84 -18.35
NA NA D . 6.12 10.14 8.98
C10 26A E . -8.72 -1.91 4.90
N6 26A E . -7.93 -1.11 5.82
C9 26A E . -7.65 -1.57 7.20
C6 26A E . -7.23 -0.03 5.34
C5 26A E . -6.39 0.86 6.13
C4 26A E . -5.69 1.89 5.43
N3 26A E . -5.73 2.00 4.08
C2 26A E . -6.54 1.15 3.40
N1 26A E . -7.30 0.22 4.00
N7 26A E . -6.15 1.02 7.46
C8 26A E . -5.22 2.03 7.60
N9 26A E . -5.04 2.61 6.35
C1' 26A E . -4.18 3.75 6.04
O4' 26A E . -2.84 3.28 6.25
C4' 26A E . -2.00 4.48 6.17
C5' 26A E . -0.67 4.25 6.86
O5' 26A E . 0.08 3.23 6.16
C2' 26A E . -4.29 5.03 6.87
O2' 26A E . -5.39 5.78 6.40
C3' 26A E . -2.83 5.58 6.78
O3' 26A E . -2.85 6.69 5.86
C10 26A F . 15.97 1.28 11.78
N6 26A F . 14.81 1.03 10.95
C9 26A F . 13.48 0.83 11.57
C6 26A F . 14.86 1.38 9.61
C5 26A F . 13.78 1.13 8.65
C4 26A F . 13.95 1.76 7.36
N3 26A F . 15.13 2.31 6.96
C2 26A F . 16.15 2.26 7.85
N1 26A F . 15.99 1.97 9.16
N7 26A F . 12.57 0.50 8.65
C8 26A F . 11.95 0.79 7.47
N9 26A F . 12.84 1.50 6.66
C1' 26A F . 12.72 1.64 5.20
O4' 26A F . 11.32 1.56 4.96
C4' 26A F . 11.07 0.51 3.99
C5' 26A F . 9.75 -0.17 4.25
O5' 26A F . 9.66 -0.54 5.65
C2' 26A F . 13.46 0.67 4.26
O2' 26A F . 13.86 1.41 3.09
C3' 26A F . 12.31 -0.38 4.15
O3' 26A F . 12.49 -1.09 2.91
PG ACP G . 6.26 -1.20 10.53
O1G ACP G . 4.81 -0.86 10.48
O2G ACP G . 6.46 -2.79 10.73
O3G ACP G . 7.00 -0.51 11.78
PB ACP G . 6.63 -1.86 7.71
O1B ACP G . 6.76 -3.22 8.27
O2B ACP G . 5.29 -1.54 7.15
C3B ACP G . 7.10 -0.72 9.00
PA ACP G . 9.20 -2.14 6.65
O1A ACP G . 9.42 -2.02 8.14
O2A ACP G . 9.59 -3.45 6.01
O3A ACP G . 7.68 -1.70 6.48
O5' ACP G . 10.00 -0.96 5.92
C5' ACP G . 9.70 -0.34 4.67
C4' ACP G . 10.85 0.57 4.21
O4' ACP G . 11.02 1.73 5.03
C3' ACP G . 12.17 -0.19 4.24
O3' ACP G . 12.32 -0.90 3.01
C2' ACP G . 13.16 0.96 4.36
O2' ACP G . 13.33 1.58 3.09
C1' ACP G . 12.43 1.92 5.29
N9 ACP G . 12.72 1.62 6.71
C8 ACP G . 11.81 1.10 7.58
N7 ACP G . 12.42 1.00 8.79
C5 ACP G . 13.66 1.49 8.65
C6 ACP G . 14.76 1.69 9.58
N6 ACP G . 14.68 1.43 10.89
N1 ACP G . 15.96 2.17 9.04
C2 ACP G . 15.99 2.69 7.75
N3 ACP G . 14.96 2.53 6.92
C4 ACP G . 13.80 2.01 7.38
#